data_3NFK
#
_entry.id   3NFK
#
_cell.length_a   53.430
_cell.length_b   53.700
_cell.length_c   81.800
_cell.angle_alpha   90.00
_cell.angle_beta   90.00
_cell.angle_gamma   90.00
#
_symmetry.space_group_name_H-M   'P 21 21 21'
#
loop_
_entity.id
_entity.type
_entity.pdbx_description
1 polymer 'Tyrosine-protein phosphatase non-receptor type 4'
2 polymer 'Glycoprotein G'
3 non-polymer GLYCEROL
4 water water
#
loop_
_entity_poly.entity_id
_entity_poly.type
_entity_poly.pdbx_seq_one_letter_code
_entity_poly.pdbx_strand_id
1 'polypeptide(L)'
;GSSPEKPTPNGGIPHDNLVLIRMKPDENGRFGFNVKGGYDQKMPVIVSRVAPGTPADLCVPRLNEGDQVVLINGRDIAEH
THDQVVLFIKASCERHSGELMLLVRPN
;
A,B
2 'polypeptide(L)' SWESHKSGGETRL C,D
#
loop_
_chem_comp.id
_chem_comp.type
_chem_comp.name
_chem_comp.formula
GOL non-polymer GLYCEROL 'C3 H8 O3'
#
# COMPACT_ATOMS: atom_id res chain seq x y z
N ASP A 16 24.78 10.82 -2.16
CA ASP A 16 25.28 11.19 -3.47
C ASP A 16 25.31 9.96 -4.35
N ASN A 17 25.54 10.14 -5.67
CA ASN A 17 25.58 9.10 -6.72
C ASN A 17 24.26 8.38 -6.84
N LEU A 18 23.20 9.08 -6.52
CA LEU A 18 21.88 8.47 -6.50
C LEU A 18 21.23 8.41 -7.87
N VAL A 19 20.39 7.40 -8.05
CA VAL A 19 19.71 7.13 -9.30
C VAL A 19 18.21 7.09 -8.99
N LEU A 20 17.42 7.84 -9.78
CA LEU A 20 15.98 7.88 -9.61
C LEU A 20 15.33 7.02 -10.66
N ILE A 21 14.62 6.00 -10.20
CA ILE A 21 13.95 5.09 -11.11
C ILE A 21 12.45 5.14 -10.93
N ARG A 22 11.72 5.08 -12.04
CA ARG A 22 10.29 4.99 -12.04
C ARG A 22 9.93 3.71 -12.78
N MET A 23 8.93 3.01 -12.27
CA MET A 23 8.47 1.77 -12.93
C MET A 23 7.02 1.51 -12.62
N LYS A 24 6.30 1.10 -13.61
CA LYS A 24 4.92 0.68 -13.41
C LYS A 24 4.94 -0.82 -13.11
N PRO A 25 4.01 -1.34 -12.31
CA PRO A 25 3.96 -2.79 -12.09
C PRO A 25 3.40 -3.50 -13.32
N ASP A 26 3.52 -4.85 -13.33
CA ASP A 26 2.88 -5.62 -14.36
C ASP A 26 1.37 -5.61 -14.11
N GLU A 27 0.60 -6.26 -15.00
CA GLU A 27 -0.85 -6.27 -14.90
C GLU A 27 -1.36 -6.88 -13.61
N ASN A 28 -0.53 -7.69 -12.95
CA ASN A 28 -0.84 -8.29 -11.67
C ASN A 28 -0.22 -7.63 -10.44
N GLY A 29 0.29 -6.41 -10.62
CA GLY A 29 0.74 -5.58 -9.51
C GLY A 29 2.16 -5.85 -9.02
N ARG A 30 2.92 -6.67 -9.76
CA ARG A 30 4.25 -7.08 -9.34
C ARG A 30 5.34 -6.35 -10.10
N PHE A 31 6.43 -6.09 -9.41
CA PHE A 31 7.56 -5.34 -9.98
C PHE A 31 8.73 -6.23 -10.36
N GLY A 32 8.91 -7.37 -9.70
CA GLY A 32 9.99 -8.29 -10.10
C GLY A 32 11.28 -8.17 -9.33
N PHE A 33 11.30 -7.40 -8.25
CA PHE A 33 12.48 -7.29 -7.42
C PHE A 33 12.19 -7.76 -6.02
N ASN A 34 13.26 -8.21 -5.37
CA ASN A 34 13.16 -8.59 -3.96
C ASN A 34 13.99 -7.63 -3.17
N VAL A 35 13.62 -7.49 -1.89
CA VAL A 35 14.44 -6.67 -0.98
C VAL A 35 14.77 -7.44 0.29
N LYS A 36 15.92 -7.11 0.89
CA LYS A 36 16.33 -7.55 2.23
C LYS A 36 16.57 -6.26 3.02
N GLY A 37 16.69 -6.37 4.34
CA GLY A 37 17.02 -5.21 5.15
C GLY A 37 15.84 -4.47 5.75
N GLY A 38 16.14 -3.37 6.41
CA GLY A 38 15.15 -2.59 7.13
C GLY A 38 15.61 -2.40 8.57
N TYR A 39 14.99 -1.47 9.26
CA TYR A 39 15.40 -1.11 10.61
C TYR A 39 15.43 -2.30 11.56
N ASP A 40 14.43 -3.19 11.44
CA ASP A 40 14.36 -4.40 12.27
C ASP A 40 15.44 -5.41 11.96
N GLN A 41 16.06 -5.33 10.78
CA GLN A 41 17.14 -6.22 10.39
C GLN A 41 18.51 -5.57 10.65
N LYS A 42 18.51 -4.29 11.09
CA LYS A 42 19.74 -3.53 11.39
C LYS A 42 20.63 -3.43 10.18
N MET A 43 20.00 -3.37 9.01
CA MET A 43 20.76 -3.17 7.80
CA MET A 43 20.68 -3.32 7.72
C MET A 43 19.98 -2.36 6.80
N PRO A 44 20.67 -1.71 5.84
CA PRO A 44 19.92 -0.87 4.90
C PRO A 44 19.03 -1.76 3.99
N VAL A 45 17.98 -1.15 3.44
CA VAL A 45 17.13 -1.86 2.49
C VAL A 45 17.91 -2.01 1.19
N ILE A 46 18.14 -3.25 0.76
CA ILE A 46 18.94 -3.56 -0.44
C ILE A 46 18.12 -4.42 -1.38
N VAL A 47 18.28 -4.17 -2.68
CA VAL A 47 17.64 -5.03 -3.70
C VAL A 47 18.45 -6.30 -3.73
N SER A 48 17.80 -7.44 -3.48
CA SER A 48 18.49 -8.71 -3.41
C SER A 48 18.33 -9.59 -4.64
N ARG A 49 17.34 -9.28 -5.51
CA ARG A 49 17.12 -10.05 -6.73
C ARG A 49 16.31 -9.17 -7.66
N VAL A 50 16.57 -9.31 -8.95
CA VAL A 50 15.79 -8.67 -10.01
C VAL A 50 15.52 -9.79 -11.01
N ALA A 51 14.24 -10.08 -11.26
CA ALA A 51 13.85 -11.17 -12.14
C ALA A 51 13.82 -10.76 -13.63
N PRO A 52 14.24 -11.67 -14.51
CA PRO A 52 14.28 -11.32 -15.94
C PRO A 52 12.91 -10.96 -16.53
N GLY A 53 12.87 -9.87 -17.30
CA GLY A 53 11.67 -9.49 -18.04
C GLY A 53 10.58 -8.85 -17.23
N THR A 54 10.87 -8.50 -16.00
CA THR A 54 9.93 -7.84 -15.13
C THR A 54 10.15 -6.33 -15.17
N PRO A 55 9.23 -5.52 -14.61
CA PRO A 55 9.43 -4.06 -14.67
C PRO A 55 10.77 -3.61 -14.11
N ALA A 56 11.23 -4.26 -13.03
CA ALA A 56 12.51 -3.89 -12.41
C ALA A 56 13.71 -4.19 -13.32
N ASP A 57 13.54 -5.18 -14.23
CA ASP A 57 14.60 -5.52 -15.14
C ASP A 57 14.57 -4.63 -16.38
N LEU A 58 13.38 -4.07 -16.70
CA LEU A 58 13.20 -3.34 -17.97
C LEU A 58 13.11 -1.84 -17.82
N CYS A 59 13.29 -1.33 -16.60
CA CYS A 59 13.15 0.08 -16.35
C CYS A 59 14.34 0.89 -16.79
N VAL A 60 14.22 2.22 -16.69
CA VAL A 60 15.23 3.17 -17.16
C VAL A 60 15.88 3.91 -15.99
N PRO A 61 17.13 3.59 -15.60
CA PRO A 61 17.92 2.41 -16.01
C PRO A 61 17.43 1.22 -15.19
N ARG A 62 18.06 0.07 -15.38
CA ARG A 62 17.65 -1.13 -14.67
C ARG A 62 17.84 -0.98 -13.18
N LEU A 63 16.96 -1.61 -12.39
CA LEU A 63 17.19 -1.71 -10.95
C LEU A 63 18.16 -2.89 -10.80
N ASN A 64 19.17 -2.77 -9.95
CA ASN A 64 20.18 -3.82 -9.84
C ASN A 64 20.30 -4.38 -8.45
N GLU A 65 20.67 -5.65 -8.39
CA GLU A 65 21.01 -6.27 -7.11
C GLU A 65 22.13 -5.48 -6.45
N GLY A 66 21.97 -5.24 -5.16
CA GLY A 66 22.95 -4.47 -4.41
C GLY A 66 22.61 -3.00 -4.29
N ASP A 67 21.60 -2.54 -5.09
CA ASP A 67 21.20 -1.15 -4.97
C ASP A 67 20.56 -0.93 -3.62
N GLN A 68 20.94 0.15 -2.94
CA GLN A 68 20.39 0.46 -1.62
C GLN A 68 19.22 1.43 -1.81
N VAL A 69 18.05 1.10 -1.25
CA VAL A 69 16.88 1.95 -1.43
C VAL A 69 16.91 3.10 -0.43
N VAL A 70 16.93 4.35 -0.91
CA VAL A 70 16.97 5.54 -0.06
C VAL A 70 15.58 6.12 0.12
N LEU A 71 14.84 6.29 -1.00
CA LEU A 71 13.46 6.82 -0.95
C LEU A 71 12.54 5.92 -1.72
N ILE A 72 11.27 5.83 -1.24
CA ILE A 72 10.21 5.13 -1.93
C ILE A 72 9.11 6.12 -2.09
N ASN A 73 8.75 6.45 -3.34
CA ASN A 73 7.73 7.48 -3.59
C ASN A 73 8.01 8.74 -2.77
N GLY A 74 9.27 9.12 -2.72
CA GLY A 74 9.71 10.35 -2.02
C GLY A 74 9.92 10.27 -0.54
N ARG A 75 9.56 9.13 0.07
CA ARG A 75 9.62 8.95 1.51
C ARG A 75 10.92 8.35 1.95
N ASP A 76 11.56 8.96 2.95
CA ASP A 76 12.77 8.46 3.56
C ASP A 76 12.40 7.25 4.40
N ILE A 77 12.96 6.09 4.07
CA ILE A 77 12.63 4.85 4.78
C ILE A 77 13.62 4.38 5.84
N ALA A 78 14.61 5.20 6.20
CA ALA A 78 15.66 4.78 7.14
C ALA A 78 15.23 4.17 8.46
N GLU A 79 14.16 4.67 9.05
CA GLU A 79 13.79 4.16 10.38
C GLU A 79 12.66 3.14 10.33
N HIS A 80 12.30 2.73 9.09
CA HIS A 80 11.18 1.83 8.88
C HIS A 80 11.58 0.38 8.84
N THR A 81 10.67 -0.47 9.35
CA THR A 81 10.97 -1.89 9.31
C THR A 81 10.85 -2.39 7.88
N HIS A 82 11.35 -3.62 7.67
CA HIS A 82 11.22 -4.29 6.39
C HIS A 82 9.76 -4.32 5.93
N ASP A 83 8.84 -4.80 6.77
CA ASP A 83 7.46 -4.93 6.33
C ASP A 83 6.80 -3.56 6.12
N GLN A 84 7.23 -2.53 6.84
CA GLN A 84 6.70 -1.19 6.58
C GLN A 84 7.12 -0.74 5.18
N VAL A 85 8.36 -1.07 4.79
CA VAL A 85 8.89 -0.76 3.45
C VAL A 85 8.11 -1.54 2.40
N VAL A 86 7.81 -2.83 2.64
CA VAL A 86 7.01 -3.60 1.71
C VAL A 86 5.64 -2.94 1.49
N LEU A 87 4.98 -2.50 2.58
CA LEU A 87 3.68 -1.86 2.36
C LEU A 87 3.85 -0.55 1.57
N PHE A 88 4.90 0.25 1.84
CA PHE A 88 5.07 1.47 1.04
C PHE A 88 5.22 1.11 -0.45
N ILE A 89 5.94 0.02 -0.77
CA ILE A 89 6.03 -0.35 -2.18
C ILE A 89 4.67 -0.73 -2.75
N LYS A 90 3.84 -1.38 -1.96
CA LYS A 90 2.52 -1.83 -2.40
C LYS A 90 1.46 -0.73 -2.28
N ALA A 91 1.81 0.46 -1.74
CA ALA A 91 0.83 1.54 -1.57
C ALA A 91 0.63 2.24 -2.91
N SER A 92 -0.28 1.67 -3.72
CA SER A 92 -0.49 2.16 -5.08
C SER A 92 -0.90 3.63 -5.21
N CYS A 93 -1.57 4.19 -4.21
CA CYS A 93 -2.00 5.59 -4.31
C CYS A 93 -0.92 6.62 -4.03
N GLU A 94 0.27 6.15 -3.56
CA GLU A 94 1.42 7.01 -3.30
C GLU A 94 2.31 7.09 -4.51
N ARG A 95 1.91 6.40 -5.61
CA ARG A 95 2.64 6.45 -6.85
C ARG A 95 2.22 7.68 -7.61
N HIS A 96 3.11 8.22 -8.42
CA HIS A 96 2.75 9.37 -9.24
C HIS A 96 2.57 8.85 -10.66
N SER A 97 1.37 9.08 -11.21
CA SER A 97 1.00 8.62 -12.55
C SER A 97 1.16 7.09 -12.71
N GLY A 98 0.92 6.37 -11.60
CA GLY A 98 0.97 4.91 -11.55
C GLY A 98 2.37 4.34 -11.42
N GLU A 99 3.40 5.20 -11.33
CA GLU A 99 4.78 4.72 -11.27
C GLU A 99 5.30 4.71 -9.86
N LEU A 100 5.82 3.54 -9.47
CA LEU A 100 6.60 3.44 -8.24
C LEU A 100 7.93 4.20 -8.50
N MET A 101 8.27 5.11 -7.59
CA MET A 101 9.52 5.85 -7.68
C MET A 101 10.47 5.32 -6.62
N LEU A 102 11.66 4.90 -7.02
CA LEU A 102 12.70 4.51 -6.07
C LEU A 102 13.88 5.41 -6.28
N LEU A 103 14.45 5.92 -5.18
CA LEU A 103 15.73 6.64 -5.26
C LEU A 103 16.72 5.66 -4.66
N VAL A 104 17.71 5.21 -5.46
CA VAL A 104 18.64 4.19 -4.98
C VAL A 104 20.09 4.61 -5.10
N ARG A 105 20.96 3.95 -4.29
CA ARG A 105 22.39 4.15 -4.39
C ARG A 105 22.98 2.86 -4.95
N PRO A 106 23.55 2.88 -6.17
CA PRO A 106 24.21 1.66 -6.69
C PRO A 106 25.35 1.20 -5.75
N ASN A 107 25.63 -0.12 -5.73
CA ASN A 107 26.69 -0.70 -4.87
C ASN A 107 28.08 -0.31 -5.34
N HIS B 15 -27.15 -6.93 4.44
CA HIS B 15 -26.80 -6.64 3.05
C HIS B 15 -27.88 -5.80 2.32
N ASP B 16 -28.63 -5.01 3.10
CA ASP B 16 -29.61 -4.06 2.57
C ASP B 16 -29.31 -2.69 3.22
N ASN B 17 -29.95 -1.60 2.73
CA ASN B 17 -29.74 -0.23 3.21
C ASN B 17 -28.25 0.18 3.08
N LEU B 18 -27.59 -0.37 2.08
CA LEU B 18 -26.19 -0.08 1.92
C LEU B 18 -25.94 1.22 1.15
N VAL B 19 -24.76 1.82 1.34
CA VAL B 19 -24.37 3.07 0.71
C VAL B 19 -23.03 2.90 0.03
N LEU B 20 -22.96 3.35 -1.22
CA LEU B 20 -21.77 3.27 -2.04
C LEU B 20 -21.02 4.60 -1.94
N ILE B 21 -19.79 4.52 -1.40
CA ILE B 21 -18.94 5.70 -1.18
C ILE B 21 -17.77 5.63 -2.17
N ARG B 22 -17.45 6.77 -2.77
CA ARG B 22 -16.35 6.87 -3.71
C ARG B 22 -15.49 8.06 -3.33
N MET B 23 -14.18 7.86 -3.27
CA MET B 23 -13.27 8.94 -2.93
C MET B 23 -11.95 8.80 -3.61
N LYS B 24 -11.34 9.94 -3.91
CA LYS B 24 -10.02 9.94 -4.51
C LYS B 24 -8.99 10.22 -3.40
N PRO B 25 -7.80 9.59 -3.42
CA PRO B 25 -6.80 9.89 -2.40
C PRO B 25 -6.27 11.32 -2.56
N ASP B 26 -5.68 11.85 -1.48
CA ASP B 26 -5.10 13.16 -1.55
C ASP B 26 -3.72 13.06 -2.24
N GLU B 27 -2.97 14.18 -2.32
CA GLU B 27 -1.66 14.21 -3.01
C GLU B 27 -0.60 13.35 -2.32
N ASN B 28 -0.89 12.82 -1.12
CA ASN B 28 0.03 11.95 -0.36
C ASN B 28 -0.50 10.51 -0.33
N GLY B 29 -1.54 10.23 -1.14
CA GLY B 29 -2.13 8.89 -1.21
C GLY B 29 -2.93 8.47 0.02
N ARG B 30 -3.42 9.47 0.79
CA ARG B 30 -4.18 9.22 2.01
C ARG B 30 -5.66 9.48 1.77
N PHE B 31 -6.50 8.77 2.54
CA PHE B 31 -7.94 8.94 2.45
C PHE B 31 -8.53 9.67 3.66
N GLY B 32 -7.89 9.56 4.82
CA GLY B 32 -8.34 10.27 6.01
C GLY B 32 -9.23 9.54 6.97
N PHE B 33 -9.31 8.21 6.90
CA PHE B 33 -10.12 7.50 7.85
C PHE B 33 -9.33 6.37 8.44
N ASN B 34 -9.81 5.86 9.57
CA ASN B 34 -9.19 4.72 10.23
C ASN B 34 -10.17 3.56 10.22
N VAL B 35 -9.63 2.33 10.21
CA VAL B 35 -10.48 1.14 10.33
C VAL B 35 -10.03 0.29 11.48
N LYS B 36 -10.99 -0.38 12.12
CA LYS B 36 -10.75 -1.40 13.14
C LYS B 36 -11.47 -2.67 12.64
N GLY B 37 -11.05 -3.82 13.14
CA GLY B 37 -11.74 -5.06 12.84
C GLY B 37 -11.14 -5.91 11.74
N GLY B 38 -11.78 -7.04 11.48
CA GLY B 38 -11.32 -7.99 10.48
C GLY B 38 -11.47 -9.39 11.02
N TYR B 39 -11.43 -10.37 10.10
CA TYR B 39 -11.64 -11.79 10.44
C TYR B 39 -10.76 -12.29 11.60
N ASP B 40 -9.48 -11.88 11.64
CA ASP B 40 -8.51 -12.21 12.68
C ASP B 40 -8.85 -11.64 14.07
N GLN B 41 -9.55 -10.47 14.11
CA GLN B 41 -9.97 -9.78 15.33
C GLN B 41 -11.37 -10.25 15.77
N LYS B 42 -12.01 -11.14 14.97
CA LYS B 42 -13.38 -11.68 15.16
C LYS B 42 -14.40 -10.54 15.37
N MET B 43 -14.19 -9.44 14.63
CA MET B 43 -15.02 -8.25 14.73
C MET B 43 -15.27 -7.71 13.32
N PRO B 44 -16.43 -7.07 13.05
CA PRO B 44 -16.63 -6.50 11.72
C PRO B 44 -15.66 -5.38 11.45
N VAL B 45 -15.42 -5.09 10.17
CA VAL B 45 -14.58 -3.96 9.75
C VAL B 45 -15.41 -2.68 9.89
N ILE B 46 -15.01 -1.81 10.81
CA ILE B 46 -15.72 -0.57 11.14
C ILE B 46 -14.82 0.62 10.96
N VAL B 47 -15.39 1.70 10.41
CA VAL B 47 -14.66 2.96 10.28
C VAL B 47 -14.61 3.54 11.71
N SER B 48 -13.40 3.62 12.29
CA SER B 48 -13.22 4.07 13.68
C SER B 48 -12.94 5.57 13.81
N ARG B 49 -12.69 6.27 12.68
CA ARG B 49 -12.40 7.70 12.69
C ARG B 49 -12.43 8.21 11.27
N VAL B 50 -12.95 9.43 11.11
CA VAL B 50 -12.93 10.16 9.83
C VAL B 50 -12.35 11.54 10.19
N ALA B 51 -11.17 11.85 9.66
CA ALA B 51 -10.52 13.12 10.00
C ALA B 51 -11.15 14.28 9.21
N PRO B 52 -11.38 15.45 9.82
CA PRO B 52 -12.04 16.52 9.07
C PRO B 52 -11.17 17.03 7.93
N GLY B 53 -11.84 17.36 6.83
CA GLY B 53 -11.24 18.00 5.67
C GLY B 53 -10.52 17.05 4.73
N THR B 54 -10.54 15.75 5.05
CA THR B 54 -9.86 14.74 4.24
C THR B 54 -10.80 14.23 3.16
N PRO B 55 -10.29 13.42 2.22
CA PRO B 55 -11.17 12.87 1.18
C PRO B 55 -12.38 12.15 1.76
N ALA B 56 -12.19 11.38 2.83
CA ALA B 56 -13.30 10.60 3.43
C ALA B 56 -14.34 11.49 4.09
N ASP B 57 -13.97 12.70 4.50
CA ASP B 57 -14.87 13.63 5.13
C ASP B 57 -15.59 14.45 4.08
N LEU B 58 -14.94 14.70 2.93
CA LEU B 58 -15.49 15.57 1.92
C LEU B 58 -16.21 14.89 0.77
N CYS B 59 -16.18 13.55 0.68
CA CYS B 59 -16.89 12.89 -0.41
C CYS B 59 -18.38 12.90 -0.15
N VAL B 60 -19.17 12.73 -1.21
CA VAL B 60 -20.63 12.73 -1.09
C VAL B 60 -21.21 11.50 -1.83
N PRO B 61 -21.80 10.52 -1.14
CA PRO B 61 -22.02 10.43 0.32
C PRO B 61 -20.71 10.34 1.09
N ARG B 62 -20.73 10.91 2.30
CA ARG B 62 -19.62 10.97 3.24
CA ARG B 62 -19.60 10.94 3.19
C ARG B 62 -19.40 9.61 3.88
N LEU B 63 -18.14 9.30 4.27
CA LEU B 63 -17.87 8.11 5.04
C LEU B 63 -18.05 8.55 6.49
N ASN B 64 -18.77 7.76 7.29
CA ASN B 64 -19.02 8.12 8.68
C ASN B 64 -18.44 7.15 9.70
N GLU B 65 -18.04 7.68 10.87
CA GLU B 65 -17.56 6.85 11.97
C GLU B 65 -18.70 5.88 12.33
N GLY B 66 -18.32 4.62 12.52
CA GLY B 66 -19.31 3.59 12.82
C GLY B 66 -19.79 2.83 11.61
N ASP B 67 -19.53 3.34 10.38
CA ASP B 67 -19.97 2.63 9.19
C ASP B 67 -19.28 1.27 9.13
N GLN B 68 -20.02 0.24 8.76
CA GLN B 68 -19.45 -1.10 8.64
C GLN B 68 -19.12 -1.33 7.19
N VAL B 69 -17.87 -1.71 6.92
CA VAL B 69 -17.43 -1.95 5.55
C VAL B 69 -17.84 -3.33 5.05
N VAL B 70 -18.57 -3.40 3.91
CA VAL B 70 -19.04 -4.64 3.30
C VAL B 70 -18.16 -4.99 2.10
N LEU B 71 -17.95 -4.03 1.18
CA LEU B 71 -17.09 -4.22 -0.01
C LEU B 71 -16.01 -3.17 -0.05
N ILE B 72 -14.84 -3.54 -0.58
CA ILE B 72 -13.75 -2.61 -0.85
C ILE B 72 -13.42 -2.81 -2.31
N ASN B 73 -13.60 -1.73 -3.13
CA ASN B 73 -13.34 -1.82 -4.57
C ASN B 73 -14.03 -3.02 -5.21
N GLY B 74 -15.28 -3.24 -4.79
CA GLY B 74 -16.15 -4.32 -5.29
C GLY B 74 -15.92 -5.68 -4.69
N ARG B 75 -14.95 -5.80 -3.75
CA ARG B 75 -14.58 -7.08 -3.16
C ARG B 75 -15.25 -7.34 -1.83
N ASP B 76 -15.82 -8.53 -1.65
CA ASP B 76 -16.42 -8.89 -0.38
C ASP B 76 -15.30 -9.24 0.59
N ILE B 77 -15.17 -8.45 1.67
CA ILE B 77 -14.10 -8.62 2.64
C ILE B 77 -14.46 -9.38 3.92
N ALA B 78 -15.67 -9.97 3.99
CA ALA B 78 -16.15 -10.65 5.20
C ALA B 78 -15.15 -11.63 5.83
N GLU B 79 -14.42 -12.39 5.01
CA GLU B 79 -13.47 -13.37 5.52
C GLU B 79 -11.99 -12.92 5.54
N HIS B 80 -11.72 -11.66 5.17
CA HIS B 80 -10.37 -11.15 5.14
C HIS B 80 -9.90 -10.60 6.48
N THR B 81 -8.58 -10.69 6.73
CA THR B 81 -8.01 -10.19 7.98
C THR B 81 -7.92 -8.66 7.94
N HIS B 82 -7.63 -8.05 9.09
CA HIS B 82 -7.44 -6.61 9.21
C HIS B 82 -6.37 -6.14 8.22
N ASP B 83 -5.20 -6.81 8.20
CA ASP B 83 -4.14 -6.36 7.30
C ASP B 83 -4.45 -6.60 5.82
N GLN B 84 -5.27 -7.63 5.48
CA GLN B 84 -5.68 -7.80 4.07
C GLN B 84 -6.59 -6.64 3.69
N VAL B 85 -7.52 -6.25 4.60
CA VAL B 85 -8.40 -5.10 4.37
C VAL B 85 -7.56 -3.82 4.13
N VAL B 86 -6.56 -3.59 4.98
CA VAL B 86 -5.69 -2.41 4.84
C VAL B 86 -5.03 -2.45 3.45
N LEU B 87 -4.50 -3.62 3.06
CA LEU B 87 -3.88 -3.74 1.73
C LEU B 87 -4.89 -3.49 0.58
N PHE B 88 -6.12 -4.00 0.66
CA PHE B 88 -7.12 -3.73 -0.38
C PHE B 88 -7.34 -2.23 -0.50
N ILE B 89 -7.37 -1.48 0.62
CA ILE B 89 -7.53 -0.05 0.54
C ILE B 89 -6.32 0.59 -0.14
N LYS B 90 -5.11 0.15 0.26
CA LYS B 90 -3.87 0.70 -0.34
C LYS B 90 -3.69 0.35 -1.81
N ALA B 91 -4.35 -0.71 -2.31
CA ALA B 91 -4.32 -1.13 -3.71
C ALA B 91 -5.35 -0.42 -4.58
N SER B 92 -6.06 0.57 -4.02
CA SER B 92 -7.14 1.25 -4.77
C SER B 92 -6.74 1.87 -6.09
N CYS B 93 -5.52 2.37 -6.20
CA CYS B 93 -5.04 3.04 -7.40
C CYS B 93 -4.38 2.12 -8.42
N GLU B 94 -4.44 0.79 -8.20
CA GLU B 94 -3.90 -0.17 -9.18
C GLU B 94 -4.77 -0.15 -10.44
N SER B 97 -7.17 2.53 -11.73
CA SER B 97 -8.20 3.21 -10.95
C SER B 97 -7.59 4.38 -10.19
N GLY B 98 -8.36 5.44 -10.02
CA GLY B 98 -7.89 6.60 -9.27
C GLY B 98 -8.73 6.81 -8.04
N GLU B 99 -9.54 5.82 -7.69
CA GLU B 99 -10.44 5.98 -6.56
C GLU B 99 -10.66 4.74 -5.75
N LEU B 100 -11.03 4.98 -4.51
CA LEU B 100 -11.45 3.96 -3.57
C LEU B 100 -12.96 3.93 -3.58
N MET B 101 -13.52 2.73 -3.70
CA MET B 101 -14.96 2.54 -3.61
C MET B 101 -15.23 1.68 -2.36
N LEU B 102 -16.08 2.16 -1.46
CA LEU B 102 -16.47 1.36 -0.32
C LEU B 102 -17.96 1.18 -0.36
N LEU B 103 -18.42 -0.03 -0.05
CA LEU B 103 -19.86 -0.25 0.14
C LEU B 103 -20.01 -0.44 1.65
N VAL B 104 -20.84 0.40 2.28
CA VAL B 104 -20.98 0.35 3.72
C VAL B 104 -22.38 0.22 4.19
N ARG B 105 -22.52 -0.26 5.43
CA ARG B 105 -23.77 -0.31 6.17
C ARG B 105 -23.67 0.84 7.16
N PRO B 106 -24.47 1.92 7.01
CA PRO B 106 -24.38 3.05 7.96
C PRO B 106 -24.72 2.63 9.40
N ASN B 107 -24.09 3.27 10.40
CA ASN B 107 -24.33 2.95 11.81
C ASN B 107 -25.68 3.42 12.33
N SER C 1 5.11 -10.73 3.88
CA SER C 1 3.97 -10.06 4.54
C SER C 1 3.27 -9.22 3.50
N TRP C 2 2.08 -8.68 3.87
CA TRP C 2 1.32 -7.84 2.95
C TRP C 2 1.07 -8.55 1.63
N GLU C 3 0.72 -9.84 1.70
CA GLU C 3 0.42 -10.67 0.52
C GLU C 3 1.58 -10.88 -0.43
N SER C 4 2.81 -10.73 0.09
CA SER C 4 4.01 -11.00 -0.68
CA SER C 4 4.05 -10.95 -0.65
C SER C 4 4.82 -12.03 0.10
N HIS C 5 5.48 -12.92 -0.60
CA HIS C 5 6.25 -14.00 0.01
C HIS C 5 7.49 -13.46 0.68
N LYS C 6 7.69 -13.84 1.94
CA LYS C 6 8.84 -13.45 2.73
C LYS C 6 9.53 -14.72 3.23
N SER C 7 10.84 -14.80 3.03
CA SER C 7 11.59 -15.98 3.43
C SER C 7 13.03 -15.51 3.68
N GLY C 8 13.64 -15.91 4.79
CA GLY C 8 15.01 -15.49 5.08
C GLY C 8 15.13 -13.98 5.20
N GLY C 9 14.03 -13.31 5.58
CA GLY C 9 14.04 -11.86 5.71
C GLY C 9 14.05 -11.12 4.39
N GLU C 10 13.69 -11.82 3.30
CA GLU C 10 13.66 -11.26 1.94
C GLU C 10 12.24 -11.34 1.41
N THR C 11 11.72 -10.26 0.83
CA THR C 11 10.37 -10.26 0.30
C THR C 11 10.42 -10.07 -1.19
N ARG C 12 9.54 -10.80 -1.92
CA ARG C 12 9.39 -10.69 -3.36
C ARG C 12 8.30 -9.67 -3.67
N LEU C 13 8.62 -8.66 -4.47
CA LEU C 13 7.71 -7.57 -4.85
C LEU C 13 7.40 -7.55 -6.31
N GLY D 9 -5.13 -2.53 17.06
CA GLY D 9 -6.11 -3.11 16.15
C GLY D 9 -6.69 -2.12 15.15
N GLU D 10 -6.16 -0.89 15.18
CA GLU D 10 -6.60 0.22 14.33
C GLU D 10 -5.51 0.67 13.35
N THR D 11 -5.91 0.99 12.11
CA THR D 11 -4.98 1.50 11.09
C THR D 11 -5.55 2.77 10.47
N ARG D 12 -4.70 3.79 10.30
CA ARG D 12 -5.02 5.05 9.65
C ARG D 12 -4.75 4.86 8.14
N LEU D 13 -5.71 5.26 7.30
CA LEU D 13 -5.65 5.18 5.84
C LEU D 13 -5.69 6.53 5.19
C1 GOL E . 7.91 -13.04 -17.82
O1 GOL E . 8.04 -12.03 -16.78
C2 GOL E . 9.26 -13.34 -18.50
O2 GOL E . 10.27 -12.88 -17.67
C3 GOL E . 9.48 -14.82 -18.41
O3 GOL E . 10.57 -15.17 -19.21
C1 GOL F . 21.30 -10.15 -12.34
O1 GOL F . 19.92 -10.03 -12.04
C2 GOL F . 21.61 -11.22 -13.36
O2 GOL F . 20.81 -11.06 -14.51
C3 GOL F . 23.03 -11.13 -13.89
O3 GOL F . 23.91 -10.83 -12.83
#